data_8QB5
#
_entry.id   8QB5
#
_cell.length_a   94.240
_cell.length_b   94.240
_cell.length_c   244.560
_cell.angle_alpha   90.000
_cell.angle_beta   90.000
_cell.angle_gamma   120.000
#
_symmetry.space_group_name_H-M   'P 63 2 2'
#
loop_
_entity.id
_entity.type
_entity.pdbx_description
1 polymer 'Proton/glutamate symporter, SDF family'
2 non-polymer 'OLEIC ACID'
3 non-polymer '(2R)-2,3-dihydroxypropyl (9Z)-octadec-9-enoate'
4 non-polymer 'SULFATE ION'
#
_entity_poly.entity_id   1
_entity_poly.type   'polypeptide(L)'
_entity_poly.pdbx_seq_one_letter_code
;MGKSLLRRYLDYPVLWKILWGLVLGAVFGLIAGHFGYAGAVKTYIKPFGDLFVRLLKMLVMPIVLASLVVGAASISPARL
GRVGVKIVVYYLATSAMAVFFGLIVGRLFNVGANVNLGSGTGKAIEAQPPSLVQTLLNIVPTNPFASLAKGEVLPVIFFA
IILGIAITYLMNRNEERVRKSAETLLRVFDGLAEAMYLIVGGVMQYAPIGVFALIAYVMAEQGVRVVGPLAKVVGAVYTG
LFLQIVITYFILLKVFGIDPIKFIRKAKDAMITAFVTRSSSGTLPVTMRVAEEEMGVDKGIFSFTLPLGATINMDGTALY
QGVTVLFVANAIGHPLTLGQQLVVVLTAVLASIGTAGVPGAGAIMLAMVLQSVGLDLTPGSPVALAYAMILGIDAILDMG
RTMVNVTGDLAGTVIVAKTEKELDESKWIS
;
_entity_poly.pdbx_strand_id   A
#
loop_
_chem_comp.id
_chem_comp.type
_chem_comp.name
_chem_comp.formula
OLA non-polymer 'OLEIC ACID' 'C18 H34 O2'
OLC non-polymer '(2R)-2,3-dihydroxypropyl (9Z)-octadec-9-enoate' 'C21 H40 O4'
SO4 non-polymer 'SULFATE ION' 'O4 S -2'
#
# COMPACT_ATOMS: atom_id res chain seq x y z
N VAL A 14 -9.43 18.78 -15.95
CA VAL A 14 -8.70 18.35 -14.76
C VAL A 14 -8.43 16.85 -14.82
N LEU A 15 -9.45 16.08 -15.22
CA LEU A 15 -9.32 14.63 -15.28
C LEU A 15 -8.17 14.20 -16.20
N TRP A 16 -7.44 13.18 -15.75
CA TRP A 16 -6.28 12.54 -16.38
C TRP A 16 -4.99 13.34 -16.24
N LYS A 17 -5.01 14.49 -15.55
CA LYS A 17 -3.84 15.35 -15.48
C LYS A 17 -2.70 14.69 -14.72
N ILE A 18 -3.04 13.88 -13.71
CA ILE A 18 -2.06 13.19 -12.88
C ILE A 18 -1.23 12.21 -13.71
N LEU A 19 -1.85 11.53 -14.68
CA LEU A 19 -1.12 10.53 -15.46
C LEU A 19 -0.14 11.18 -16.42
N TRP A 20 -0.48 12.38 -16.88
CA TRP A 20 0.47 13.20 -17.59
C TRP A 20 1.62 13.63 -16.67
N GLY A 21 1.29 14.06 -15.46
CA GLY A 21 2.32 14.37 -14.48
C GLY A 21 3.30 13.23 -14.31
N LEU A 22 2.78 12.00 -14.18
CA LEU A 22 3.64 10.85 -13.98
C LEU A 22 4.56 10.64 -15.18
N VAL A 23 4.00 10.61 -16.39
CA VAL A 23 4.81 10.26 -17.55
C VAL A 23 5.89 11.33 -17.78
N LEU A 24 5.49 12.61 -17.71
CA LEU A 24 6.42 13.71 -17.93
C LEU A 24 7.51 13.74 -16.88
N GLY A 25 7.14 13.53 -15.60
CA GLY A 25 8.13 13.46 -14.56
C GLY A 25 9.14 12.35 -14.78
N ALA A 26 8.65 11.17 -15.16
CA ALA A 26 9.56 10.03 -15.35
C ALA A 26 10.53 10.29 -16.49
N VAL A 27 10.05 10.87 -17.59
CA VAL A 27 10.95 11.23 -18.69
C VAL A 27 11.98 12.26 -18.25
N PHE A 28 11.51 13.36 -17.64
CA PHE A 28 12.45 14.38 -17.16
C PHE A 28 13.49 13.79 -16.23
N GLY A 29 13.07 12.93 -15.30
CA GLY A 29 14.00 12.31 -14.37
C GLY A 29 15.08 11.50 -15.07
N LEU A 30 14.66 10.60 -15.95
CA LEU A 30 15.64 9.79 -16.67
C LEU A 30 16.64 10.69 -17.42
N ILE A 31 16.14 11.69 -18.14
CA ILE A 31 17.04 12.54 -18.91
C ILE A 31 18.00 13.28 -17.99
N ALA A 32 17.47 13.90 -16.92
CA ALA A 32 18.33 14.62 -15.99
C ALA A 32 19.39 13.71 -15.38
N GLY A 33 19.01 12.50 -14.99
CA GLY A 33 19.98 11.59 -14.40
C GLY A 33 21.02 11.15 -15.42
N HIS A 34 20.57 10.78 -16.60
CA HIS A 34 21.48 10.33 -17.66
C HIS A 34 22.51 11.40 -18.01
N PHE A 35 22.16 12.68 -17.85
CA PHE A 35 23.07 13.76 -18.20
C PHE A 35 23.85 14.32 -17.01
N GLY A 36 23.74 13.71 -15.83
CA GLY A 36 24.55 14.08 -14.69
C GLY A 36 23.87 14.96 -13.67
N TYR A 37 22.72 15.54 -14.01
CA TYR A 37 22.16 16.66 -13.27
C TYR A 37 21.25 16.24 -12.13
N ALA A 38 21.19 14.93 -11.81
CA ALA A 38 20.30 14.50 -10.74
C ALA A 38 20.60 15.21 -9.42
N GLY A 39 21.82 15.68 -9.20
CA GLY A 39 22.10 16.41 -7.98
C GLY A 39 21.33 17.72 -7.93
N ALA A 40 21.29 18.42 -9.05
CA ALA A 40 20.52 19.66 -9.08
C ALA A 40 19.06 19.34 -8.87
N VAL A 41 18.59 18.24 -9.44
CA VAL A 41 17.20 17.83 -9.23
C VAL A 41 16.93 17.68 -7.74
N LYS A 42 17.86 17.02 -7.04
CA LYS A 42 17.66 16.79 -5.61
C LYS A 42 17.44 18.11 -4.92
N THR A 43 18.19 19.12 -5.32
CA THR A 43 18.08 20.42 -4.68
C THR A 43 16.78 21.11 -5.08
N TYR A 44 16.55 21.24 -6.39
CA TYR A 44 15.45 22.08 -6.88
C TYR A 44 14.10 21.39 -7.08
N ILE A 45 14.07 20.18 -7.61
CA ILE A 45 12.80 19.54 -7.96
C ILE A 45 12.15 18.81 -6.78
N LYS A 46 12.93 18.06 -6.01
CA LYS A 46 12.35 17.11 -5.06
C LYS A 46 11.43 17.74 -4.01
N PRO A 47 11.72 18.93 -3.48
CA PRO A 47 10.83 19.51 -2.46
C PRO A 47 9.34 19.61 -2.83
N PHE A 48 8.99 19.85 -4.10
CA PHE A 48 7.56 19.90 -4.45
C PHE A 48 6.87 18.56 -4.20
N GLY A 49 7.55 17.46 -4.49
CA GLY A 49 6.98 16.16 -4.19
C GLY A 49 6.96 15.86 -2.71
N ASP A 50 8.02 16.24 -2.00
CA ASP A 50 7.98 16.07 -0.55
C ASP A 50 6.80 16.84 0.05
N LEU A 51 6.55 18.05 -0.44
CA LEU A 51 5.37 18.82 -0.02
C LEU A 51 4.08 18.08 -0.29
N PHE A 52 3.92 17.53 -1.50
CA PHE A 52 2.74 16.73 -1.80
C PHE A 52 2.56 15.61 -0.77
N VAL A 53 3.65 14.91 -0.47
CA VAL A 53 3.60 13.77 0.45
C VAL A 53 3.17 14.23 1.84
N ARG A 54 3.75 15.34 2.31
CA ARG A 54 3.41 15.82 3.65
C ARG A 54 1.95 16.26 3.68
N LEU A 55 1.48 16.96 2.65
CA LEU A 55 0.11 17.43 2.65
C LEU A 55 -0.84 16.25 2.77
N LEU A 56 -0.50 15.13 2.14
CA LEU A 56 -1.39 13.96 2.25
C LEU A 56 -1.25 13.32 3.62
N LYS A 57 -0.02 13.25 4.15
CA LYS A 57 0.20 12.66 5.47
C LYS A 57 -0.61 13.39 6.53
N MET A 58 -0.64 14.71 6.47
CA MET A 58 -1.38 15.52 7.43
C MET A 58 -2.79 14.99 7.66
N LEU A 59 -3.42 14.44 6.62
CA LEU A 59 -4.83 14.07 6.68
C LEU A 59 -5.06 12.66 7.20
N VAL A 60 -4.02 11.83 7.32
CA VAL A 60 -4.23 10.41 7.56
C VAL A 60 -4.96 10.18 8.88
N MET A 61 -4.42 10.69 9.99
CA MET A 61 -5.06 10.41 11.28
C MET A 61 -6.43 11.07 11.41
N PRO A 62 -6.61 12.35 11.08
CA PRO A 62 -7.97 12.90 11.18
C PRO A 62 -8.99 12.16 10.35
N ILE A 63 -8.67 11.92 9.06
CA ILE A 63 -9.64 11.29 8.18
C ILE A 63 -9.88 9.83 8.57
N VAL A 64 -8.83 9.13 9.00
CA VAL A 64 -9.00 7.73 9.38
C VAL A 64 -9.82 7.61 10.65
N LEU A 65 -9.49 8.40 11.66
CA LEU A 65 -10.25 8.38 12.91
C LEU A 65 -11.71 8.71 12.62
N ALA A 66 -11.96 9.88 12.03
CA ALA A 66 -13.33 10.35 11.92
C ALA A 66 -14.13 9.44 11.00
N SER A 67 -13.53 9.03 9.88
CA SER A 67 -14.25 8.17 8.95
C SER A 67 -14.59 6.84 9.60
N LEU A 68 -13.71 6.31 10.44
CA LEU A 68 -14.01 5.00 11.00
C LEU A 68 -14.99 5.08 12.16
N VAL A 69 -14.94 6.16 12.94
CA VAL A 69 -15.95 6.37 13.96
C VAL A 69 -17.32 6.48 13.30
N VAL A 70 -17.42 7.30 12.25
CA VAL A 70 -18.68 7.45 11.53
C VAL A 70 -19.11 6.12 10.93
N GLY A 71 -18.18 5.43 10.25
CA GLY A 71 -18.55 4.18 9.60
C GLY A 71 -19.03 3.15 10.59
N ALA A 72 -18.29 2.94 11.68
CA ALA A 72 -18.71 1.94 12.66
C ALA A 72 -19.98 2.35 13.35
N ALA A 73 -20.28 3.66 13.42
CA ALA A 73 -21.60 4.05 13.89
C ALA A 73 -22.67 3.69 12.86
N SER A 74 -22.36 3.86 11.58
CA SER A 74 -23.35 3.69 10.53
C SER A 74 -23.75 2.24 10.32
N ILE A 75 -22.95 1.29 10.83
CA ILE A 75 -23.10 -0.12 10.51
C ILE A 75 -23.25 -0.94 11.78
N SER A 76 -23.95 -2.09 11.63
CA SER A 76 -24.23 -2.95 12.78
C SER A 76 -22.98 -3.73 13.14
N PRO A 77 -22.83 -4.13 14.41
CA PRO A 77 -21.66 -4.95 14.75
C PRO A 77 -21.55 -6.21 13.91
N ALA A 78 -22.67 -6.91 13.70
CA ALA A 78 -22.66 -8.14 12.90
C ALA A 78 -22.08 -7.89 11.51
N ARG A 79 -22.60 -6.87 10.82
CA ARG A 79 -22.14 -6.59 9.47
C ARG A 79 -20.67 -6.21 9.48
N LEU A 80 -20.24 -5.48 10.52
CA LEU A 80 -18.84 -5.09 10.62
C LEU A 80 -17.94 -6.32 10.75
N GLY A 81 -18.33 -7.27 11.59
CA GLY A 81 -17.62 -8.54 11.66
C GLY A 81 -17.55 -9.25 10.33
N ARG A 82 -18.66 -9.28 9.60
CA ARG A 82 -18.65 -9.96 8.30
C ARG A 82 -17.72 -9.25 7.32
N VAL A 83 -17.72 -7.92 7.33
CA VAL A 83 -16.80 -7.16 6.48
C VAL A 83 -15.35 -7.49 6.83
N GLY A 84 -15.06 -7.56 8.13
CA GLY A 84 -13.72 -7.93 8.57
C GLY A 84 -13.28 -9.27 8.04
N VAL A 85 -14.13 -10.29 8.19
CA VAL A 85 -13.72 -11.63 7.78
C VAL A 85 -13.63 -11.72 6.26
N LYS A 86 -14.53 -11.04 5.55
CA LYS A 86 -14.48 -11.06 4.09
C LYS A 86 -13.19 -10.45 3.58
N ILE A 87 -12.80 -9.29 4.14
CA ILE A 87 -11.62 -8.60 3.63
C ILE A 87 -10.35 -9.35 4.01
N VAL A 88 -10.32 -10.01 5.16
CA VAL A 88 -9.15 -10.81 5.51
C VAL A 88 -9.00 -12.00 4.56
N VAL A 89 -10.10 -12.71 4.31
CA VAL A 89 -10.02 -13.80 3.34
C VAL A 89 -9.49 -13.30 2.00
N TYR A 90 -9.96 -12.13 1.56
CA TYR A 90 -9.45 -11.53 0.33
C TYR A 90 -7.95 -11.32 0.36
N TYR A 91 -7.44 -10.77 1.46
CA TYR A 91 -6.01 -10.46 1.51
C TYR A 91 -5.16 -11.72 1.59
N LEU A 92 -5.71 -12.79 2.18
CA LEU A 92 -5.00 -14.07 2.17
C LEU A 92 -4.91 -14.62 0.74
N ALA A 93 -6.04 -14.66 0.04
CA ALA A 93 -6.04 -15.11 -1.35
C ALA A 93 -5.00 -14.36 -2.17
N THR A 94 -5.04 -13.03 -2.10
CA THR A 94 -4.17 -12.25 -2.97
C THR A 94 -2.70 -12.39 -2.58
N SER A 95 -2.39 -12.55 -1.28
CA SER A 95 -0.99 -12.75 -0.93
C SER A 95 -0.49 -14.12 -1.40
N ALA A 96 -1.34 -15.15 -1.34
CA ALA A 96 -0.95 -16.44 -1.90
C ALA A 96 -0.60 -16.32 -3.38
N MET A 97 -1.44 -15.61 -4.13
CA MET A 97 -1.14 -15.39 -5.54
C MET A 97 0.17 -14.61 -5.72
N ALA A 98 0.41 -13.61 -4.87
CA ALA A 98 1.62 -12.83 -5.00
C ALA A 98 2.87 -13.69 -4.79
N VAL A 99 2.82 -14.60 -3.83
CA VAL A 99 3.93 -15.56 -3.64
C VAL A 99 4.14 -16.37 -4.91
N PHE A 100 3.05 -16.92 -5.46
CA PHE A 100 3.16 -17.70 -6.68
C PHE A 100 3.86 -16.91 -7.78
N PHE A 101 3.31 -15.74 -8.12
CA PHE A 101 3.87 -14.95 -9.20
C PHE A 101 5.29 -14.49 -8.92
N GLY A 102 5.64 -14.28 -7.65
CA GLY A 102 7.02 -13.95 -7.34
C GLY A 102 7.96 -15.08 -7.72
N LEU A 103 7.63 -16.30 -7.31
CA LEU A 103 8.49 -17.43 -7.65
C LEU A 103 8.57 -17.62 -9.16
N ILE A 104 7.41 -17.56 -9.83
CA ILE A 104 7.36 -17.84 -11.26
C ILE A 104 8.19 -16.81 -12.02
N VAL A 105 7.86 -15.53 -11.88
CA VAL A 105 8.49 -14.51 -12.70
C VAL A 105 9.97 -14.41 -12.36
N GLY A 106 10.32 -14.56 -11.08
CA GLY A 106 11.72 -14.57 -10.71
C GLY A 106 12.49 -15.64 -11.47
N ARG A 107 11.91 -16.83 -11.60
CA ARG A 107 12.65 -17.89 -12.26
C ARG A 107 12.67 -17.73 -13.78
N LEU A 108 11.55 -17.30 -14.35
CA LEU A 108 11.48 -17.01 -15.78
C LEU A 108 12.53 -15.99 -16.25
N PHE A 109 12.64 -14.86 -15.55
CA PHE A 109 13.70 -13.91 -15.93
C PHE A 109 15.10 -14.36 -15.59
N ASN A 110 15.26 -15.37 -14.74
CA ASN A 110 16.59 -15.88 -14.37
C ASN A 110 17.49 -14.74 -13.87
N VAL A 111 16.97 -14.00 -12.89
CA VAL A 111 17.65 -12.83 -12.36
C VAL A 111 18.94 -13.22 -11.66
N GLY A 112 19.98 -12.39 -11.77
CA GLY A 112 21.27 -12.74 -11.20
C GLY A 112 22.18 -13.70 -11.95
N ALA A 113 22.45 -13.43 -13.22
CA ALA A 113 23.38 -14.24 -13.99
C ALA A 113 24.82 -13.73 -13.94
N ASN A 114 25.07 -12.69 -13.14
CA ASN A 114 26.43 -12.31 -12.75
C ASN A 114 27.01 -13.28 -11.72
N VAL A 115 28.32 -13.16 -11.52
CA VAL A 115 29.15 -14.18 -10.88
C VAL A 115 29.95 -13.53 -9.76
N ASN A 116 29.74 -13.97 -8.51
CA ASN A 116 30.66 -13.66 -7.42
C ASN A 116 31.31 -14.93 -6.85
N LEU A 117 32.11 -14.75 -5.80
CA LEU A 117 32.60 -15.83 -4.95
C LEU A 117 31.55 -16.80 -4.43
N GLY A 118 30.65 -16.33 -3.58
CA GLY A 118 29.49 -17.11 -3.21
C GLY A 118 29.82 -18.16 -2.15
N PRO A 130 8.62 -17.30 17.47
CA PRO A 130 7.62 -16.45 16.81
C PRO A 130 7.03 -15.40 17.75
N SER A 131 6.99 -14.15 17.30
CA SER A 131 6.63 -13.01 18.13
C SER A 131 5.29 -12.39 17.73
N LEU A 132 4.38 -13.17 17.13
CA LEU A 132 3.13 -12.61 16.62
C LEU A 132 2.11 -12.35 17.73
N VAL A 133 2.23 -13.04 18.86
CA VAL A 133 1.28 -12.89 19.96
C VAL A 133 1.27 -11.46 20.46
N GLN A 134 2.46 -10.90 20.71
CA GLN A 134 2.56 -9.54 21.17
C GLN A 134 2.08 -8.54 20.11
N THR A 135 2.26 -8.85 18.82
CA THR A 135 1.69 -7.99 17.78
C THR A 135 0.16 -7.92 17.90
N LEU A 136 -0.45 -9.06 18.21
CA LEU A 136 -1.91 -9.05 18.33
C LEU A 136 -2.32 -8.27 19.56
N LEU A 137 -1.67 -8.52 20.69
CA LEU A 137 -1.98 -7.74 21.89
C LEU A 137 -1.81 -6.25 21.58
N ASN A 138 -0.76 -5.89 20.83
CA ASN A 138 -0.47 -4.51 20.47
C ASN A 138 -1.51 -3.93 19.52
N ILE A 139 -2.44 -4.75 19.02
CA ILE A 139 -3.53 -4.18 18.23
C ILE A 139 -4.37 -3.26 19.11
N VAL A 140 -4.59 -3.66 20.36
CA VAL A 140 -5.33 -2.87 21.36
C VAL A 140 -4.48 -1.72 21.87
N PRO A 141 -4.86 -0.46 21.66
CA PRO A 141 -4.07 0.64 22.23
C PRO A 141 -4.26 0.72 23.74
N THR A 142 -3.16 0.96 24.45
CA THR A 142 -3.24 1.26 25.86
C THR A 142 -3.55 2.73 26.16
N ASN A 143 -3.24 3.63 25.23
CA ASN A 143 -3.62 5.03 25.35
C ASN A 143 -4.02 5.55 23.97
N PRO A 144 -5.32 5.58 23.65
CA PRO A 144 -5.70 5.98 22.28
C PRO A 144 -5.22 7.36 21.89
N PHE A 145 -5.11 8.29 22.83
CA PHE A 145 -4.51 9.59 22.52
C PHE A 145 -3.05 9.43 22.12
N ALA A 146 -2.33 8.51 22.79
CA ALA A 146 -0.95 8.24 22.40
C ALA A 146 -0.88 7.65 21.01
N SER A 147 -1.77 6.72 20.68
CA SER A 147 -1.74 6.11 19.36
C SER A 147 -2.07 7.14 18.28
N LEU A 148 -2.94 8.10 18.57
CA LEU A 148 -3.20 9.17 17.61
C LEU A 148 -1.96 10.03 17.44
N ALA A 149 -1.33 10.43 18.54
CA ALA A 149 -0.14 11.27 18.47
C ALA A 149 1.03 10.57 17.79
N LYS A 150 1.15 9.26 17.97
CA LYS A 150 2.19 8.47 17.33
C LYS A 150 1.81 7.94 15.95
N GLY A 151 0.60 8.20 15.48
CA GLY A 151 0.21 7.77 14.15
C GLY A 151 0.13 6.28 13.95
N GLU A 152 -0.32 5.54 14.95
CA GLU A 152 -0.43 4.09 14.88
C GLU A 152 -1.82 3.78 14.34
N VAL A 153 -1.89 3.25 13.13
CA VAL A 153 -3.15 3.16 12.42
C VAL A 153 -4.04 2.07 13.01
N LEU A 154 -3.48 0.88 13.20
CA LEU A 154 -4.32 -0.25 13.61
C LEU A 154 -4.98 -0.05 14.97
N PRO A 155 -4.31 0.47 15.99
CA PRO A 155 -5.01 0.76 17.25
C PRO A 155 -6.02 1.88 17.12
N VAL A 156 -5.78 2.84 16.23
CA VAL A 156 -6.77 3.89 15.99
C VAL A 156 -8.01 3.28 15.36
N ILE A 157 -7.81 2.35 14.41
CA ILE A 157 -8.92 1.59 13.86
C ILE A 157 -9.73 0.93 14.96
N PHE A 158 -9.04 0.25 15.87
CA PHE A 158 -9.73 -0.44 16.96
C PHE A 158 -10.55 0.54 17.80
N PHE A 159 -9.92 1.63 18.25
CA PHE A 159 -10.65 2.57 19.09
C PHE A 159 -11.80 3.22 18.35
N ALA A 160 -11.60 3.56 17.08
CA ALA A 160 -12.69 4.19 16.34
C ALA A 160 -13.85 3.23 16.20
N ILE A 161 -13.57 1.95 15.95
CA ILE A 161 -14.65 0.99 15.79
C ILE A 161 -15.42 0.86 17.08
N ILE A 162 -14.70 0.69 18.19
CA ILE A 162 -15.38 0.50 19.46
C ILE A 162 -16.15 1.76 19.84
N LEU A 163 -15.59 2.93 19.55
CA LEU A 163 -16.30 4.17 19.83
C LEU A 163 -17.56 4.27 18.98
N GLY A 164 -17.46 3.97 17.68
CA GLY A 164 -18.63 4.00 16.82
C GLY A 164 -19.73 3.07 17.30
N ILE A 165 -19.36 1.82 17.61
CA ILE A 165 -20.31 0.86 18.14
C ILE A 165 -20.96 1.40 19.42
N ALA A 166 -20.13 1.80 20.39
CA ALA A 166 -20.67 2.31 21.64
C ALA A 166 -21.63 3.46 21.37
N ILE A 167 -21.26 4.33 20.42
CA ILE A 167 -22.04 5.51 20.11
C ILE A 167 -23.42 5.11 19.62
N THR A 168 -23.47 4.12 18.72
CA THR A 168 -24.78 3.69 18.21
C THR A 168 -25.60 3.01 19.29
N TYR A 169 -24.96 2.25 20.19
CA TYR A 169 -25.71 1.69 21.31
C TYR A 169 -26.33 2.80 22.14
N LEU A 170 -25.57 3.85 22.43
CA LEU A 170 -26.09 4.95 23.23
C LEU A 170 -27.19 5.69 22.49
N MET A 171 -27.06 5.84 21.17
CA MET A 171 -28.07 6.57 20.41
C MET A 171 -29.39 5.79 20.29
N ASN A 172 -29.40 4.50 20.62
CA ASN A 172 -30.65 3.76 20.68
C ASN A 172 -31.20 3.67 22.09
N ARG A 173 -30.47 4.16 23.08
CA ARG A 173 -30.96 4.17 24.44
C ARG A 173 -32.11 5.15 24.58
N ASN A 174 -32.94 4.94 25.61
CA ASN A 174 -34.16 5.73 25.76
C ASN A 174 -33.85 7.16 26.22
N GLU A 175 -32.95 7.32 27.19
CA GLU A 175 -32.67 8.63 27.76
C GLU A 175 -32.13 9.58 26.69
N GLU A 176 -32.80 10.73 26.55
CA GLU A 176 -32.44 11.67 25.49
C GLU A 176 -31.09 12.35 25.74
N ARG A 177 -30.72 12.60 26.99
CA ARG A 177 -29.42 13.22 27.26
C ARG A 177 -28.29 12.37 26.68
N VAL A 178 -28.36 11.05 26.90
CA VAL A 178 -27.34 10.16 26.36
C VAL A 178 -27.34 10.22 24.84
N ARG A 179 -28.52 10.20 24.24
CA ARG A 179 -28.63 10.27 22.78
C ARG A 179 -27.99 11.55 22.27
N LYS A 180 -28.23 12.67 22.94
CA LYS A 180 -27.76 13.96 22.44
C LYS A 180 -26.25 14.07 22.57
N SER A 181 -25.69 13.55 23.67
CA SER A 181 -24.24 13.54 23.83
C SER A 181 -23.59 12.69 22.73
N ALA A 182 -24.12 11.48 22.52
CA ALA A 182 -23.58 10.61 21.48
C ALA A 182 -23.66 11.26 20.10
N GLU A 183 -24.79 11.89 19.79
CA GLU A 183 -24.93 12.57 18.49
C GLU A 183 -23.95 13.72 18.35
N THR A 184 -23.74 14.50 19.40
CA THR A 184 -22.74 15.57 19.33
C THR A 184 -21.35 15.01 19.04
N LEU A 185 -20.94 13.96 19.77
CA LEU A 185 -19.63 13.37 19.52
C LEU A 185 -19.53 12.85 18.10
N LEU A 186 -20.57 12.15 17.63
CA LEU A 186 -20.54 11.61 16.28
C LEU A 186 -20.50 12.72 15.25
N ARG A 187 -21.18 13.84 15.51
CA ARG A 187 -21.14 14.94 14.56
C ARG A 187 -19.77 15.59 14.54
N VAL A 188 -19.08 15.65 15.68
CA VAL A 188 -17.73 16.19 15.68
C VAL A 188 -16.83 15.36 14.77
N PHE A 189 -16.91 14.03 14.91
CA PHE A 189 -16.13 13.16 14.03
C PHE A 189 -16.56 13.27 12.57
N ASP A 190 -17.88 13.37 12.31
CA ASP A 190 -18.35 13.54 10.95
C ASP A 190 -17.85 14.84 10.32
N GLY A 191 -17.89 15.94 11.08
CA GLY A 191 -17.37 17.20 10.58
C GLY A 191 -15.89 17.13 10.28
N LEU A 192 -15.12 16.46 11.15
CA LEU A 192 -13.70 16.36 10.89
C LEU A 192 -13.44 15.56 9.62
N ALA A 193 -14.07 14.39 9.50
CA ALA A 193 -13.94 13.61 8.28
C ALA A 193 -14.29 14.41 7.02
N GLU A 194 -15.44 15.10 7.05
CA GLU A 194 -15.85 15.91 5.90
C GLU A 194 -14.80 16.96 5.55
N ALA A 195 -14.27 17.66 6.56
CA ALA A 195 -13.25 18.66 6.30
C ALA A 195 -12.04 18.02 5.65
N MET A 196 -11.66 16.84 6.13
CA MET A 196 -10.51 16.15 5.56
C MET A 196 -10.76 15.83 4.09
N TYR A 197 -11.92 15.25 3.77
CA TYR A 197 -12.20 14.91 2.37
C TYR A 197 -12.17 16.16 1.48
N LEU A 198 -12.67 17.28 1.99
CA LEU A 198 -12.61 18.52 1.21
C LEU A 198 -11.17 18.93 0.98
N ILE A 199 -10.34 18.81 2.01
CA ILE A 199 -8.95 19.22 1.87
C ILE A 199 -8.26 18.31 0.88
N VAL A 200 -8.53 17.00 0.96
CA VAL A 200 -8.02 16.06 -0.02
C VAL A 200 -8.35 16.52 -1.44
N GLY A 201 -9.62 16.84 -1.69
CA GLY A 201 -9.99 17.36 -3.00
C GLY A 201 -9.15 18.55 -3.42
N GLY A 202 -8.91 19.47 -2.49
CA GLY A 202 -8.09 20.62 -2.81
C GLY A 202 -6.68 20.21 -3.15
N VAL A 203 -6.10 19.32 -2.33
CA VAL A 203 -4.76 18.85 -2.58
C VAL A 203 -4.70 18.16 -3.94
N MET A 204 -5.76 17.45 -4.30
CA MET A 204 -5.79 16.76 -5.58
C MET A 204 -5.86 17.74 -6.73
N GLN A 205 -6.22 19.01 -6.46
CA GLN A 205 -6.00 20.01 -7.51
C GLN A 205 -4.50 20.18 -7.79
N TYR A 206 -3.69 20.03 -6.74
CA TYR A 206 -2.23 20.11 -6.79
C TYR A 206 -1.52 18.81 -7.21
N ALA A 207 -2.19 17.66 -7.16
CA ALA A 207 -1.51 16.38 -7.29
C ALA A 207 -0.57 16.21 -8.48
N PRO A 208 -0.91 16.63 -9.70
CA PRO A 208 0.03 16.46 -10.83
C PRO A 208 1.44 16.99 -10.63
N ILE A 209 1.58 18.17 -10.01
CA ILE A 209 2.91 18.72 -9.73
C ILE A 209 3.68 17.82 -8.78
N GLY A 210 3.04 17.39 -7.70
CA GLY A 210 3.72 16.52 -6.75
C GLY A 210 4.17 15.22 -7.40
N VAL A 211 3.25 14.59 -8.16
CA VAL A 211 3.58 13.34 -8.83
C VAL A 211 4.77 13.54 -9.76
N PHE A 212 4.75 14.62 -10.54
CA PHE A 212 5.88 14.93 -11.41
C PHE A 212 7.17 14.99 -10.60
N ALA A 213 7.19 15.80 -9.54
CA ALA A 213 8.43 16.00 -8.79
C ALA A 213 8.98 14.70 -8.22
N LEU A 214 8.09 13.87 -7.67
CA LEU A 214 8.55 12.62 -7.05
C LEU A 214 9.12 11.67 -8.08
N ILE A 215 8.36 11.40 -9.14
CA ILE A 215 8.86 10.44 -10.12
C ILE A 215 10.11 10.99 -10.78
N ALA A 216 10.20 12.32 -10.94
CA ALA A 216 11.40 12.91 -11.52
C ALA A 216 12.62 12.62 -10.67
N TYR A 217 12.52 12.85 -9.35
CA TYR A 217 13.69 12.62 -8.51
C TYR A 217 14.08 11.14 -8.53
N VAL A 218 13.08 10.26 -8.41
CA VAL A 218 13.40 8.83 -8.37
C VAL A 218 14.07 8.41 -9.68
N MET A 219 13.51 8.84 -10.81
CA MET A 219 14.12 8.47 -12.08
C MET A 219 15.52 9.03 -12.23
N ALA A 220 15.73 10.27 -11.78
CA ALA A 220 17.04 10.87 -11.95
C ALA A 220 18.08 10.16 -11.09
N GLU A 221 17.71 9.79 -9.87
CA GLU A 221 18.67 9.12 -9.00
C GLU A 221 18.89 7.66 -9.38
N GLN A 222 17.81 6.85 -9.37
CA GLN A 222 17.97 5.41 -9.57
C GLN A 222 17.52 4.84 -10.92
N GLY A 223 16.83 5.59 -11.79
CA GLY A 223 16.40 5.02 -13.06
C GLY A 223 17.58 4.62 -13.91
N VAL A 224 18.57 5.50 -14.00
CA VAL A 224 19.77 5.25 -14.80
C VAL A 224 20.46 3.97 -14.35
N ARG A 225 20.20 3.51 -13.13
CA ARG A 225 20.87 2.33 -12.59
C ARG A 225 20.18 1.05 -13.02
N VAL A 226 19.04 1.13 -13.68
CA VAL A 226 18.31 -0.05 -14.13
C VAL A 226 18.85 -0.38 -15.52
N VAL A 227 19.81 -1.31 -15.56
CA VAL A 227 20.46 -1.71 -16.79
C VAL A 227 21.10 -3.07 -16.53
N GLY A 228 21.39 -3.80 -17.59
CA GLY A 228 22.02 -5.08 -17.44
C GLY A 228 21.19 -5.98 -16.56
N PRO A 229 21.84 -6.80 -15.73
CA PRO A 229 21.08 -7.70 -14.86
C PRO A 229 20.00 -7.01 -14.05
N LEU A 230 20.29 -5.82 -13.50
CA LEU A 230 19.28 -5.17 -12.68
C LEU A 230 18.06 -4.77 -13.47
N ALA A 231 18.23 -4.46 -14.76
CA ALA A 231 17.04 -4.20 -15.57
C ALA A 231 16.14 -5.42 -15.61
N LYS A 232 16.75 -6.61 -15.74
CA LYS A 232 15.94 -7.82 -15.75
C LYS A 232 15.31 -8.03 -14.38
N VAL A 233 15.98 -7.60 -13.32
CA VAL A 233 15.35 -7.67 -12.01
C VAL A 233 14.15 -6.73 -11.97
N VAL A 234 14.34 -5.48 -12.40
CA VAL A 234 13.24 -4.53 -12.36
C VAL A 234 12.11 -5.01 -13.26
N GLY A 235 12.45 -5.38 -14.50
CA GLY A 235 11.46 -5.95 -15.37
C GLY A 235 10.76 -7.12 -14.72
N ALA A 236 11.54 -8.05 -14.15
CA ALA A 236 10.92 -9.20 -13.52
C ALA A 236 9.97 -8.76 -12.45
N VAL A 237 10.41 -7.84 -11.59
CA VAL A 237 9.57 -7.44 -10.48
C VAL A 237 8.31 -6.81 -11.03
N TYR A 238 8.47 -5.91 -11.99
CA TYR A 238 7.30 -5.20 -12.48
C TYR A 238 6.38 -6.14 -13.23
N THR A 239 6.94 -7.14 -13.89
CA THR A 239 6.09 -8.15 -14.51
C THR A 239 5.23 -8.83 -13.46
N GLY A 240 5.84 -9.27 -12.36
CA GLY A 240 5.05 -9.83 -11.29
C GLY A 240 3.92 -8.93 -10.84
N LEU A 241 4.21 -7.64 -10.62
CA LEU A 241 3.13 -6.75 -10.21
C LEU A 241 2.05 -6.73 -11.27
N PHE A 242 2.47 -6.56 -12.52
CA PHE A 242 1.50 -6.49 -13.60
C PHE A 242 0.57 -7.70 -13.54
N LEU A 243 1.14 -8.90 -13.39
CA LEU A 243 0.30 -10.08 -13.40
C LEU A 243 -0.66 -10.05 -12.23
N GLN A 244 -0.17 -9.71 -11.04
CA GLN A 244 -1.03 -9.65 -9.86
C GLN A 244 -2.23 -8.76 -10.13
N ILE A 245 -2.01 -7.69 -10.90
CA ILE A 245 -3.12 -6.82 -11.23
C ILE A 245 -4.02 -7.48 -12.26
N VAL A 246 -3.46 -7.74 -13.45
CA VAL A 246 -4.31 -8.15 -14.57
C VAL A 246 -4.88 -9.54 -14.45
N ILE A 247 -4.39 -10.38 -13.53
CA ILE A 247 -4.94 -11.71 -13.32
C ILE A 247 -5.77 -11.79 -12.04
N THR A 248 -5.13 -11.61 -10.89
CA THR A 248 -5.84 -11.81 -9.63
C THR A 248 -6.96 -10.81 -9.42
N TYR A 249 -6.65 -9.52 -9.56
CA TYR A 249 -7.67 -8.51 -9.29
C TYR A 249 -8.74 -8.50 -10.36
N PHE A 250 -8.36 -8.64 -11.63
CA PHE A 250 -9.36 -8.58 -12.69
C PHE A 250 -10.29 -9.78 -12.59
N ILE A 251 -9.74 -10.98 -12.42
CA ILE A 251 -10.59 -12.16 -12.34
C ILE A 251 -11.52 -12.06 -11.14
N LEU A 252 -10.98 -11.63 -9.99
CA LEU A 252 -11.83 -11.51 -8.80
C LEU A 252 -12.97 -10.52 -9.01
N LEU A 253 -12.66 -9.36 -9.61
CA LEU A 253 -13.70 -8.39 -9.94
C LEU A 253 -14.75 -8.96 -10.89
N LYS A 254 -14.31 -9.67 -11.93
CA LYS A 254 -15.25 -10.22 -12.89
C LYS A 254 -16.14 -11.28 -12.25
N VAL A 255 -15.56 -12.18 -11.46
CA VAL A 255 -16.35 -13.19 -10.77
C VAL A 255 -17.50 -12.56 -10.02
N PHE A 256 -17.26 -11.41 -9.38
CA PHE A 256 -18.29 -10.73 -8.60
C PHE A 256 -19.05 -9.68 -9.40
N GLY A 257 -18.80 -9.58 -10.70
CA GLY A 257 -19.58 -8.68 -11.54
C GLY A 257 -19.21 -7.21 -11.46
N ILE A 258 -17.91 -6.89 -11.40
CA ILE A 258 -17.43 -5.52 -11.57
C ILE A 258 -16.61 -5.44 -12.85
N ASP A 259 -16.88 -4.43 -13.67
CA ASP A 259 -16.09 -4.16 -14.88
C ASP A 259 -14.67 -3.75 -14.49
N PRO A 260 -13.64 -4.54 -14.80
CA PRO A 260 -12.29 -4.17 -14.35
C PRO A 260 -11.72 -2.95 -15.05
N ILE A 261 -12.15 -2.63 -16.27
CA ILE A 261 -11.62 -1.46 -16.94
C ILE A 261 -12.18 -0.19 -16.33
N LYS A 262 -13.49 -0.20 -16.02
CA LYS A 262 -14.08 0.91 -15.26
C LYS A 262 -13.39 1.04 -13.91
N PHE A 263 -13.14 -0.09 -13.24
CA PHE A 263 -12.42 -0.06 -11.97
C PHE A 263 -11.10 0.67 -12.11
N ILE A 264 -10.27 0.27 -13.08
CA ILE A 264 -8.97 0.90 -13.22
C ILE A 264 -9.14 2.40 -13.49
N ARG A 265 -10.08 2.75 -14.37
CA ARG A 265 -10.30 4.16 -14.66
C ARG A 265 -10.61 4.94 -13.39
N LYS A 266 -11.38 4.33 -12.49
CA LYS A 266 -11.77 5.04 -11.27
C LYS A 266 -10.63 5.05 -10.25
N ALA A 267 -9.83 3.99 -10.22
CA ALA A 267 -8.72 3.82 -9.29
C ALA A 267 -7.50 4.65 -9.67
N LYS A 268 -7.47 5.20 -10.88
CA LYS A 268 -6.22 5.73 -11.43
C LYS A 268 -5.54 6.74 -10.49
N ASP A 269 -6.30 7.62 -9.84
CA ASP A 269 -5.68 8.63 -8.98
C ASP A 269 -5.02 7.99 -7.75
N ALA A 270 -5.70 7.02 -7.14
CA ALA A 270 -5.12 6.28 -6.04
C ALA A 270 -3.90 5.47 -6.48
N MET A 271 -3.99 4.85 -7.67
CA MET A 271 -2.88 4.02 -8.12
C MET A 271 -1.63 4.86 -8.34
N ILE A 272 -1.77 5.97 -9.04
CA ILE A 272 -0.61 6.81 -9.32
C ILE A 272 -0.06 7.41 -8.02
N THR A 273 -0.95 7.87 -7.12
CA THR A 273 -0.45 8.41 -5.86
C THR A 273 0.29 7.36 -5.06
N ALA A 274 -0.25 6.14 -4.98
CA ALA A 274 0.47 5.04 -4.34
C ALA A 274 1.83 4.83 -4.98
N PHE A 275 1.87 4.80 -6.30
CA PHE A 275 3.12 4.60 -7.02
C PHE A 275 4.18 5.60 -6.58
N VAL A 276 3.83 6.89 -6.62
CA VAL A 276 4.85 7.91 -6.39
C VAL A 276 5.18 8.08 -4.92
N THR A 277 4.18 8.01 -4.03
CA THR A 277 4.45 8.27 -2.61
C THR A 277 5.11 7.09 -1.91
N ARG A 278 4.95 5.87 -2.42
CA ARG A 278 5.58 4.69 -1.82
C ARG A 278 5.10 4.47 -0.39
N SER A 279 3.86 4.87 -0.09
CA SER A 279 3.29 4.67 1.24
C SER A 279 1.81 4.36 1.10
N SER A 280 1.41 3.17 1.55
CA SER A 280 -0.01 2.83 1.61
C SER A 280 -0.76 3.78 2.52
N SER A 281 -0.19 4.06 3.70
CA SER A 281 -0.84 4.96 4.65
C SER A 281 -0.90 6.39 4.13
N GLY A 282 0.18 6.85 3.49
CA GLY A 282 0.20 8.22 3.01
C GLY A 282 -0.77 8.49 1.88
N THR A 283 -1.15 7.45 1.13
CA THR A 283 -2.17 7.58 0.10
C THR A 283 -3.59 7.48 0.64
N LEU A 284 -3.77 7.06 1.89
CA LEU A 284 -5.11 6.76 2.41
C LEU A 284 -6.12 7.87 2.15
N PRO A 285 -5.83 9.16 2.42
CA PRO A 285 -6.86 10.18 2.15
C PRO A 285 -7.32 10.17 0.70
N VAL A 286 -6.38 9.92 -0.22
CA VAL A 286 -6.71 9.85 -1.64
C VAL A 286 -7.47 8.57 -1.95
N THR A 287 -6.99 7.44 -1.41
CA THR A 287 -7.69 6.18 -1.66
C THR A 287 -9.13 6.24 -1.17
N MET A 288 -9.34 6.87 -0.01
CA MET A 288 -10.69 6.97 0.55
C MET A 288 -11.55 7.96 -0.24
N ARG A 289 -10.96 9.06 -0.71
CA ARG A 289 -11.77 9.95 -1.55
C ARG A 289 -12.13 9.27 -2.86
N VAL A 290 -11.22 8.44 -3.39
CA VAL A 290 -11.53 7.71 -4.62
C VAL A 290 -12.64 6.70 -4.35
N ALA A 291 -12.56 6.01 -3.21
CA ALA A 291 -13.60 5.04 -2.88
C ALA A 291 -14.95 5.70 -2.71
N GLU A 292 -14.97 6.92 -2.17
CA GLU A 292 -16.24 7.62 -1.99
C GLU A 292 -16.74 8.21 -3.30
N GLU A 293 -15.97 9.14 -3.89
CA GLU A 293 -16.43 9.87 -5.06
C GLU A 293 -16.56 8.95 -6.28
N GLU A 294 -15.54 8.12 -6.51
CA GLU A 294 -15.47 7.35 -7.76
C GLU A 294 -16.13 5.96 -7.61
N MET A 295 -15.62 5.15 -6.68
CA MET A 295 -16.11 3.79 -6.53
C MET A 295 -17.53 3.75 -5.98
N GLY A 296 -17.92 4.74 -5.19
CA GLY A 296 -19.22 4.73 -4.56
C GLY A 296 -19.37 3.70 -3.45
N VAL A 297 -18.33 3.51 -2.64
CA VAL A 297 -18.36 2.61 -1.49
C VAL A 297 -18.87 3.37 -0.28
N ASP A 298 -19.74 2.73 0.50
CA ASP A 298 -20.21 3.33 1.74
C ASP A 298 -19.09 3.44 2.76
N LYS A 299 -19.16 4.52 3.57
CA LYS A 299 -18.13 4.74 4.58
C LYS A 299 -18.05 3.58 5.56
N GLY A 300 -19.18 2.90 5.80
CA GLY A 300 -19.17 1.75 6.69
C GLY A 300 -18.25 0.65 6.23
N ILE A 301 -18.00 0.55 4.93
CA ILE A 301 -17.08 -0.45 4.41
C ILE A 301 -15.68 0.13 4.34
N PHE A 302 -15.49 1.17 3.54
CA PHE A 302 -14.12 1.54 3.20
C PHE A 302 -13.39 2.22 4.35
N SER A 303 -14.13 2.92 5.23
CA SER A 303 -13.46 3.57 6.36
C SER A 303 -12.79 2.55 7.26
N PHE A 304 -13.22 1.29 7.18
CA PHE A 304 -12.63 0.20 7.94
C PHE A 304 -11.65 -0.60 7.07
N THR A 305 -12.14 -1.10 5.93
CA THR A 305 -11.33 -2.00 5.11
C THR A 305 -10.06 -1.34 4.60
N LEU A 306 -10.15 -0.07 4.16
CA LEU A 306 -8.98 0.53 3.52
C LEU A 306 -7.85 0.76 4.51
N PRO A 307 -8.06 1.37 5.67
CA PRO A 307 -6.94 1.51 6.62
C PRO A 307 -6.39 0.18 7.08
N LEU A 308 -7.25 -0.83 7.24
CA LEU A 308 -6.75 -2.16 7.61
C LEU A 308 -5.89 -2.75 6.51
N GLY A 309 -6.37 -2.70 5.28
CA GLY A 309 -5.62 -3.25 4.17
C GLY A 309 -4.31 -2.54 3.95
N ALA A 310 -4.25 -1.25 4.29
CA ALA A 310 -2.99 -0.53 4.15
C ALA A 310 -1.91 -1.11 5.05
N THR A 311 -2.29 -1.68 6.19
CA THR A 311 -1.31 -2.30 7.07
C THR A 311 -1.17 -3.81 6.94
N ILE A 312 -2.17 -4.53 6.43
CA ILE A 312 -2.08 -5.99 6.36
C ILE A 312 -1.87 -6.51 4.96
N ASN A 313 -1.86 -5.68 3.92
CA ASN A 313 -1.76 -6.21 2.58
C ASN A 313 -0.33 -6.68 2.33
N MET A 314 -0.18 -7.95 1.94
CA MET A 314 1.13 -8.58 1.82
C MET A 314 1.51 -8.95 0.39
N ASP A 315 0.82 -8.41 -0.62
CA ASP A 315 1.11 -8.79 -1.99
C ASP A 315 2.49 -8.28 -2.43
N GLY A 316 2.72 -6.98 -2.26
CA GLY A 316 3.99 -6.42 -2.65
C GLY A 316 5.15 -7.03 -1.92
N THR A 317 4.96 -7.39 -0.65
CA THR A 317 6.04 -8.01 0.09
C THR A 317 6.39 -9.38 -0.48
N ALA A 318 5.37 -10.21 -0.71
CA ALA A 318 5.64 -11.52 -1.29
C ALA A 318 6.36 -11.41 -2.62
N LEU A 319 5.95 -10.45 -3.45
CA LEU A 319 6.58 -10.30 -4.77
C LEU A 319 8.02 -9.84 -4.63
N TYR A 320 8.24 -8.80 -3.83
CA TYR A 320 9.58 -8.28 -3.60
C TYR A 320 10.50 -9.36 -3.09
N GLN A 321 10.09 -10.04 -2.02
CA GLN A 321 10.96 -11.05 -1.43
C GLN A 321 11.24 -12.17 -2.43
N GLY A 322 10.21 -12.67 -3.13
CA GLY A 322 10.46 -13.75 -4.08
C GLY A 322 11.50 -13.39 -5.12
N VAL A 323 11.37 -12.20 -5.71
CA VAL A 323 12.29 -11.84 -6.80
C VAL A 323 13.66 -11.51 -6.24
N THR A 324 13.74 -10.66 -5.22
CA THR A 324 15.05 -10.22 -4.78
C THR A 324 15.80 -11.35 -4.10
N VAL A 325 15.09 -12.23 -3.39
CA VAL A 325 15.72 -13.41 -2.81
C VAL A 325 16.29 -14.31 -3.91
N LEU A 326 15.54 -14.49 -5.00
CA LEU A 326 16.10 -15.32 -6.06
C LEU A 326 17.32 -14.66 -6.69
N PHE A 327 17.24 -13.35 -6.95
CA PHE A 327 18.38 -12.63 -7.53
C PHE A 327 19.62 -12.80 -6.65
N VAL A 328 19.47 -12.59 -5.35
CA VAL A 328 20.60 -12.71 -4.42
C VAL A 328 21.15 -14.12 -4.45
N ALA A 329 20.26 -15.11 -4.35
CA ALA A 329 20.69 -16.50 -4.29
C ALA A 329 21.50 -16.86 -5.51
N ASN A 330 21.05 -16.42 -6.69
CA ASN A 330 21.80 -16.72 -7.92
C ASN A 330 23.11 -15.95 -7.96
N ALA A 331 23.13 -14.71 -7.48
CA ALA A 331 24.37 -13.95 -7.51
C ALA A 331 25.50 -14.63 -6.73
N ILE A 332 25.20 -15.23 -5.57
CA ILE A 332 26.24 -15.92 -4.81
C ILE A 332 26.33 -17.41 -5.11
N GLY A 333 25.57 -17.88 -6.10
CA GLY A 333 25.65 -19.29 -6.47
C GLY A 333 25.21 -20.27 -5.41
N HIS A 334 24.38 -19.85 -4.46
CA HIS A 334 23.86 -20.77 -3.45
C HIS A 334 22.65 -21.52 -4.01
N PRO A 335 22.66 -22.85 -4.07
CA PRO A 335 21.50 -23.57 -4.63
C PRO A 335 20.26 -23.44 -3.75
N LEU A 336 19.14 -23.11 -4.39
CA LEU A 336 17.87 -22.86 -3.72
C LEU A 336 16.75 -23.59 -4.46
N THR A 337 16.16 -24.59 -3.83
CA THR A 337 15.05 -25.30 -4.45
C THR A 337 13.78 -24.47 -4.36
N LEU A 338 12.84 -24.77 -5.27
CA LEU A 338 11.57 -24.04 -5.28
C LEU A 338 10.87 -24.13 -3.93
N GLY A 339 10.85 -25.31 -3.31
CA GLY A 339 10.25 -25.43 -1.99
C GLY A 339 11.00 -24.63 -0.93
N GLN A 340 12.33 -24.60 -1.02
CA GLN A 340 13.10 -23.82 -0.06
C GLN A 340 12.85 -22.32 -0.24
N GLN A 341 12.79 -21.86 -1.50
CA GLN A 341 12.40 -20.48 -1.75
C GLN A 341 11.03 -20.17 -1.19
N LEU A 342 10.09 -21.12 -1.35
CA LEU A 342 8.74 -20.89 -0.83
C LEU A 342 8.74 -20.75 0.67
N VAL A 343 9.44 -21.65 1.38
CA VAL A 343 9.46 -21.57 2.84
C VAL A 343 10.10 -20.28 3.30
N VAL A 344 11.18 -19.85 2.61
CA VAL A 344 11.84 -18.62 2.99
C VAL A 344 10.90 -17.43 2.80
N VAL A 345 10.25 -17.37 1.64
CA VAL A 345 9.33 -16.27 1.36
C VAL A 345 8.22 -16.25 2.40
N LEU A 346 7.66 -17.42 2.72
CA LEU A 346 6.56 -17.48 3.68
C LEU A 346 6.98 -17.00 5.06
N THR A 347 8.19 -17.38 5.50
CA THR A 347 8.63 -16.92 6.81
C THR A 347 8.91 -15.42 6.81
N ALA A 348 9.38 -14.88 5.69
CA ALA A 348 9.54 -13.43 5.57
C ALA A 348 8.18 -12.72 5.59
N VAL A 349 7.18 -13.31 4.94
CA VAL A 349 5.86 -12.72 4.93
C VAL A 349 5.27 -12.74 6.34
N LEU A 350 5.41 -13.86 7.04
CA LEU A 350 4.93 -13.90 8.43
C LEU A 350 5.62 -12.84 9.27
N ALA A 351 6.93 -12.65 9.07
CA ALA A 351 7.62 -11.62 9.84
C ALA A 351 7.16 -10.23 9.45
N SER A 352 6.66 -10.05 8.22
CA SER A 352 6.29 -8.72 7.73
C SER A 352 4.88 -8.28 8.11
N ILE A 353 3.98 -9.21 8.41
CA ILE A 353 2.58 -8.84 8.59
C ILE A 353 2.43 -7.76 9.66
N GLY A 354 1.45 -6.88 9.48
CA GLY A 354 1.19 -5.80 10.40
C GLY A 354 1.93 -4.51 10.12
N THR A 355 3.05 -4.57 9.41
CA THR A 355 3.79 -3.37 9.02
C THR A 355 3.09 -2.68 7.86
N ALA A 356 2.81 -1.39 8.04
CA ALA A 356 2.18 -0.59 7.01
C ALA A 356 3.19 -0.24 5.91
N GLY A 357 2.68 0.36 4.84
CA GLY A 357 3.53 0.74 3.72
C GLY A 357 4.47 1.86 4.11
N VAL A 358 5.76 1.61 4.03
CA VAL A 358 6.79 2.60 4.38
C VAL A 358 7.96 2.46 3.42
N PRO A 359 8.58 3.56 2.99
CA PRO A 359 9.75 3.45 2.09
C PRO A 359 10.91 2.74 2.76
N GLY A 360 11.67 2.00 1.95
CA GLY A 360 12.82 1.26 2.44
C GLY A 360 12.48 0.08 3.30
N ALA A 361 11.28 -0.48 3.17
CA ALA A 361 10.82 -1.55 4.04
C ALA A 361 11.42 -2.88 3.60
N GLY A 362 11.11 -3.29 2.38
CA GLY A 362 11.51 -4.61 1.93
C GLY A 362 13.01 -4.81 1.96
N ALA A 363 13.79 -3.75 1.70
CA ALA A 363 15.24 -3.88 1.79
C ALA A 363 15.67 -4.30 3.20
N ILE A 364 15.10 -3.67 4.22
CA ILE A 364 15.40 -4.04 5.60
C ILE A 364 14.96 -5.46 5.89
N MET A 365 13.77 -5.84 5.42
CA MET A 365 13.27 -7.17 5.72
C MET A 365 14.13 -8.23 5.04
N LEU A 366 14.56 -7.94 3.81
CA LEU A 366 15.47 -8.83 3.10
C LEU A 366 16.77 -8.97 3.88
N ALA A 367 17.33 -7.86 4.37
CA ALA A 367 18.55 -7.93 5.16
C ALA A 367 18.36 -8.81 6.39
N MET A 368 17.19 -8.71 7.03
CA MET A 368 16.90 -9.56 8.18
C MET A 368 16.87 -11.03 7.76
N VAL A 369 16.20 -11.32 6.64
CA VAL A 369 16.09 -12.69 6.17
C VAL A 369 17.46 -13.27 5.92
N LEU A 370 18.33 -12.51 5.23
CA LEU A 370 19.70 -12.96 4.98
C LEU A 370 20.46 -13.21 6.27
N GLN A 371 20.31 -12.32 7.25
CA GLN A 371 21.02 -12.51 8.52
C GLN A 371 20.56 -13.79 9.23
N SER A 372 19.24 -14.02 9.27
CA SER A 372 18.68 -15.12 10.06
C SER A 372 19.11 -16.49 9.54
N VAL A 373 19.43 -16.60 8.25
CA VAL A 373 19.89 -17.89 7.71
C VAL A 373 21.39 -18.11 7.90
N GLY A 374 22.11 -17.18 8.52
CA GLY A 374 23.49 -17.39 8.87
C GLY A 374 24.52 -16.92 7.87
N LEU A 375 24.12 -16.08 6.92
CA LEU A 375 25.04 -15.58 5.90
C LEU A 375 25.88 -14.44 6.45
N ASP A 376 27.07 -14.29 5.87
CA ASP A 376 28.07 -13.35 6.36
C ASP A 376 27.84 -12.02 5.63
N LEU A 377 27.35 -11.03 6.37
CA LEU A 377 27.06 -9.71 5.84
C LEU A 377 28.18 -8.71 6.12
N THR A 378 29.30 -9.17 6.65
CA THR A 378 30.42 -8.28 6.91
C THR A 378 30.89 -7.63 5.62
N PRO A 379 31.37 -6.37 5.69
CA PRO A 379 31.80 -5.66 4.49
C PRO A 379 32.72 -6.49 3.61
N GLY A 380 32.55 -6.34 2.30
CA GLY A 380 33.33 -7.06 1.31
C GLY A 380 32.76 -8.40 0.91
N SER A 381 31.87 -8.97 1.71
CA SER A 381 31.34 -10.28 1.41
C SER A 381 30.43 -10.23 0.17
N PRO A 382 30.31 -11.34 -0.56
CA PRO A 382 29.42 -11.35 -1.73
C PRO A 382 27.98 -10.95 -1.44
N VAL A 383 27.43 -11.41 -0.32
CA VAL A 383 26.04 -11.13 -0.01
C VAL A 383 25.83 -9.65 0.30
N ALA A 384 26.74 -9.04 1.04
CA ALA A 384 26.67 -7.59 1.24
C ALA A 384 26.66 -6.85 -0.11
N LEU A 385 27.37 -7.39 -1.09
CA LEU A 385 27.44 -6.74 -2.40
C LEU A 385 26.12 -6.85 -3.15
N ALA A 386 25.59 -8.07 -3.27
CA ALA A 386 24.29 -8.24 -3.91
C ALA A 386 23.20 -7.43 -3.22
N TYR A 387 23.24 -7.40 -1.88
CA TYR A 387 22.28 -6.59 -1.15
C TYR A 387 22.41 -5.12 -1.52
N ALA A 388 23.65 -4.60 -1.57
CA ALA A 388 23.80 -3.19 -1.94
C ALA A 388 23.25 -2.93 -3.33
N MET A 389 23.39 -3.89 -4.24
CA MET A 389 22.88 -3.68 -5.59
C MET A 389 21.36 -3.57 -5.58
N ILE A 390 20.69 -4.48 -4.87
CA ILE A 390 19.24 -4.35 -4.72
C ILE A 390 18.89 -3.02 -4.07
N LEU A 391 19.58 -2.69 -2.98
CA LEU A 391 19.30 -1.47 -2.24
C LEU A 391 19.33 -0.25 -3.15
N GLY A 392 20.17 -0.27 -4.18
CA GLY A 392 20.29 0.89 -5.04
C GLY A 392 19.16 1.07 -6.01
N ILE A 393 18.43 0.01 -6.35
CA ILE A 393 17.18 0.11 -7.10
C ILE A 393 15.96 -0.01 -6.21
N ASP A 394 16.16 -0.03 -4.89
CA ASP A 394 15.05 -0.36 -3.99
C ASP A 394 13.88 0.60 -4.17
N ALA A 395 14.18 1.87 -4.42
CA ALA A 395 13.10 2.85 -4.61
C ALA A 395 12.25 2.50 -5.83
N ILE A 396 12.92 2.12 -6.92
CA ILE A 396 12.24 1.71 -8.15
C ILE A 396 11.35 0.51 -7.87
N LEU A 397 11.82 -0.42 -7.03
CA LEU A 397 10.98 -1.56 -6.69
C LEU A 397 9.83 -1.18 -5.76
N ASP A 398 10.07 -0.22 -4.86
CA ASP A 398 9.06 0.17 -3.90
C ASP A 398 7.88 0.87 -4.57
N MET A 399 8.15 1.72 -5.57
CA MET A 399 7.05 2.35 -6.27
C MET A 399 6.03 1.33 -6.75
N GLY A 400 6.51 0.31 -7.46
CA GLY A 400 5.61 -0.72 -7.95
C GLY A 400 4.96 -1.49 -6.84
N ARG A 401 5.72 -1.79 -5.78
CA ARG A 401 5.17 -2.54 -4.65
C ARG A 401 3.99 -1.80 -4.03
N THR A 402 4.14 -0.50 -3.81
CA THR A 402 3.07 0.28 -3.19
C THR A 402 1.89 0.40 -4.14
N MET A 403 2.16 0.55 -5.45
CA MET A 403 1.04 0.74 -6.37
C MET A 403 0.20 -0.52 -6.47
N VAL A 404 0.84 -1.69 -6.51
CA VAL A 404 0.06 -2.93 -6.58
C VAL A 404 -0.67 -3.16 -5.26
N ASN A 405 -0.11 -2.70 -4.14
CA ASN A 405 -0.78 -2.94 -2.86
C ASN A 405 -2.04 -2.09 -2.76
N VAL A 406 -1.93 -0.79 -3.07
CA VAL A 406 -3.10 0.08 -3.02
C VAL A 406 -4.15 -0.36 -4.03
N THR A 407 -3.71 -0.81 -5.21
CA THR A 407 -4.67 -1.36 -6.18
C THR A 407 -5.44 -2.54 -5.57
N GLY A 408 -4.71 -3.51 -5.01
CA GLY A 408 -5.39 -4.64 -4.38
C GLY A 408 -6.30 -4.25 -3.23
N ASP A 409 -5.92 -3.22 -2.47
CA ASP A 409 -6.78 -2.74 -1.39
C ASP A 409 -8.09 -2.21 -1.91
N LEU A 410 -8.03 -1.37 -2.96
CA LEU A 410 -9.27 -0.87 -3.55
C LEU A 410 -10.12 -2.00 -4.13
N ALA A 411 -9.48 -2.93 -4.84
CA ALA A 411 -10.22 -4.06 -5.40
C ALA A 411 -10.97 -4.84 -4.33
N GLY A 412 -10.27 -5.22 -3.26
CA GLY A 412 -10.92 -5.97 -2.19
C GLY A 412 -11.98 -5.18 -1.47
N THR A 413 -11.78 -3.87 -1.31
CA THR A 413 -12.80 -3.04 -0.69
C THR A 413 -14.07 -3.05 -1.54
N VAL A 414 -13.92 -2.81 -2.85
CA VAL A 414 -15.06 -2.80 -3.75
C VAL A 414 -15.79 -4.14 -3.70
N ILE A 415 -15.03 -5.23 -3.78
CA ILE A 415 -15.64 -6.56 -3.74
C ILE A 415 -16.46 -6.74 -2.46
N VAL A 416 -15.85 -6.50 -1.31
CA VAL A 416 -16.56 -6.69 -0.04
C VAL A 416 -17.80 -5.81 0.00
N ALA A 417 -17.68 -4.55 -0.42
CA ALA A 417 -18.84 -3.67 -0.44
C ALA A 417 -19.96 -4.26 -1.28
N LYS A 418 -19.61 -4.86 -2.43
CA LYS A 418 -20.62 -5.48 -3.28
C LYS A 418 -21.29 -6.63 -2.55
N THR A 419 -20.50 -7.57 -2.01
CA THR A 419 -21.09 -8.71 -1.31
C THR A 419 -21.95 -8.27 -0.13
N GLU A 420 -21.71 -7.08 0.43
CA GLU A 420 -22.53 -6.54 1.51
C GLU A 420 -23.64 -5.63 1.00
N LYS A 421 -23.78 -5.50 -0.32
CA LYS A 421 -24.78 -4.61 -0.94
C LYS A 421 -24.56 -3.15 -0.56
N GLU A 422 -23.34 -2.78 -0.19
CA GLU A 422 -22.99 -1.39 0.09
C GLU A 422 -22.30 -0.68 -1.07
N LEU A 423 -22.28 -1.27 -2.27
CA LEU A 423 -21.70 -0.63 -3.45
C LEU A 423 -22.76 0.03 -4.31
N ASP A 424 -22.56 1.32 -4.62
CA ASP A 424 -23.46 2.07 -5.49
C ASP A 424 -23.13 1.76 -6.95
N GLU A 425 -24.06 1.11 -7.67
CA GLU A 425 -23.79 0.64 -9.02
C GLU A 425 -23.81 1.75 -10.09
N SER A 426 -24.48 2.87 -9.83
CA SER A 426 -24.58 3.92 -10.84
C SER A 426 -23.23 4.48 -11.25
N LYS A 427 -22.26 4.44 -10.34
CA LYS A 427 -20.92 4.91 -10.64
C LYS A 427 -20.20 4.08 -11.69
N TRP A 428 -20.61 2.82 -11.90
CA TRP A 428 -19.91 1.90 -12.79
C TRP A 428 -20.47 1.81 -14.21
N ILE A 429 -21.18 2.83 -14.70
CA ILE A 429 -21.93 2.69 -15.94
C ILE A 429 -21.77 3.96 -16.77
N SER A 430 -21.29 3.80 -18.00
CA SER A 430 -20.97 4.91 -18.87
C SER A 430 -22.23 5.65 -19.32
C1 OLA B . -21.32 -6.14 20.75
O1 OLA B . -21.63 -6.69 21.83
O2 OLA B . -21.55 -6.76 19.68
C2 OLA B . -20.70 -4.77 20.72
C3 OLA B . -19.17 -4.85 20.68
C4 OLA B . -18.64 -5.51 19.40
C5 OLA B . -17.12 -5.55 19.42
C6 OLA B . -16.49 -4.98 18.15
H21 OLA B . -20.99 -4.21 21.60
H22 OLA B . -21.05 -4.23 19.84
H31 OLA B . -18.82 -5.43 21.54
H32 OLA B . -18.76 -3.85 20.75
H41 OLA B . -19.04 -6.52 19.32
H42 OLA B . -18.99 -4.95 18.53
H51 OLA B . -16.75 -5.00 20.28
H52 OLA B . -16.79 -6.59 19.53
H61 OLA B . -15.91 -5.75 17.64
H62 OLA B . -17.25 -4.63 17.47
C1 OLA C . 17.61 2.89 -18.54
O1 OLA C . 17.30 4.00 -19.01
O2 OLA C . 18.78 2.47 -18.69
C2 OLA C . 16.59 2.06 -17.78
C3 OLA C . 15.17 2.31 -18.29
C4 OLA C . 14.25 2.76 -17.17
C5 OLA C . 13.78 1.59 -16.29
C6 OLA C . 12.29 1.67 -16.03
C7 OLA C . 11.94 2.63 -14.89
C8 OLA C . 11.34 1.89 -13.69
C9 OLA C . 9.96 1.37 -14.03
C10 OLA C . 8.87 2.29 -14.44
C11 OLA C . 8.50 3.49 -13.60
C12 OLA C . 8.69 4.79 -14.37
C13 OLA C . 7.82 4.87 -15.63
C14 OLA C . 6.37 5.20 -15.28
C15 OLA C . 5.41 4.27 -16.01
H21 OLA C . 16.83 1.00 -17.91
H22 OLA C . 16.64 2.30 -16.72
H31 OLA C . 14.78 1.39 -18.73
H32 OLA C . 15.19 3.07 -19.06
H41 OLA C . 13.38 3.25 -17.60
H42 OLA C . 14.77 3.49 -16.55
H51 OLA C . 14.01 0.65 -16.80
H52 OLA C . 14.32 1.61 -15.35
H61 OLA C . 11.91 0.68 -15.79
H62 OLA C . 11.78 2.01 -16.94
H71 OLA C . 11.23 3.38 -15.25
H72 OLA C . 12.84 3.15 -14.57
H81 OLA C . 11.29 2.57 -12.84
H82 OLA C . 11.99 1.06 -13.43
H9 OLA C . 9.77 0.31 -13.96
H10 OLA C . 8.32 2.07 -15.36
H111 OLA C . 9.13 3.51 -12.71
H112 OLA C . 7.46 3.40 -13.28
H121 OLA C . 8.43 5.63 -13.73
H122 OLA C . 9.73 4.90 -14.66
H131 OLA C . 7.86 3.92 -16.16
H132 OLA C . 8.21 5.64 -16.29
H141 OLA C . 6.16 6.23 -15.54
H142 OLA C . 6.24 5.10 -14.20
H151 OLA C . 5.65 4.29 -17.07
H152 OLA C . 5.54 3.26 -15.65
C1 OLA D . -23.75 -4.55 25.08
O1 OLA D . -23.38 -5.66 25.54
O2 OLA D . -24.72 -4.53 24.28
C2 OLA D . -23.04 -3.27 25.49
C3 OLA D . -21.94 -2.94 24.49
C4 OLA D . -20.58 -3.34 25.06
C5 OLA D . -19.42 -3.14 24.09
C6 OLA D . -19.56 -1.91 23.21
C7 OLA D . -18.28 -1.66 22.41
H21 OLA D . -23.76 -2.45 25.52
H22 OLA D . -22.62 -3.39 26.48
H31 OLA D . -21.94 -1.88 24.28
H32 OLA D . -22.12 -3.48 23.55
H41 OLA D . -20.61 -4.40 25.34
H42 OLA D . -20.39 -2.76 25.96
H51 OLA D . -18.49 -3.06 24.66
H52 OLA D . -19.33 -4.02 23.44
H61 OLA D . -19.78 -1.04 23.84
H62 OLA D . -20.39 -2.05 22.51
H71 OLA D . -17.72 -2.59 22.32
H72 OLA D . -18.53 -1.31 21.42
C18 OLC E . -9.37 -8.36 10.79
C10 OLC E . -14.95 -5.93 14.25
C9 OLC E . -16.22 -6.04 13.98
C17 OLC E . -10.30 -9.55 10.87
C11 OLC E . -13.86 -5.69 13.25
C8 OLC E . -17.26 -6.43 14.96
C24 OLC E . -22.89 -11.59 20.51
C16 OLC E . -11.66 -9.22 11.40
C12 OLC E . -13.92 -6.68 12.12
C7 OLC E . -17.05 -7.80 15.52
C15 OLC E . -11.68 -8.69 12.81
C13 OLC E . -14.13 -8.12 12.56
C6 OLC E . -17.81 -8.08 16.81
C14 OLC E . -13.04 -8.69 13.45
C5 OLC E . -19.27 -7.72 16.77
C4 OLC E . -20.07 -8.50 15.76
C3 OLC E . -20.30 -9.94 16.15
C2 OLC E . -21.76 -10.31 16.22
C21 OLC E . -21.46 -10.20 18.97
C1 OLC E . -22.62 -9.35 17.02
C22 OLC E . -21.88 -10.47 20.40
O19 OLC E . -23.39 -8.59 16.50
O25 OLC E . -23.96 -11.43 19.59
O23 OLC E . -20.73 -10.77 21.19
O20 OLC E . -22.49 -9.40 18.35
H18 OLC E . -9.24 -7.98 11.68
H18A OLC E . -8.51 -8.64 10.43
H18B OLC E . -9.74 -7.69 10.20
H10 OLC E . -14.68 -6.01 15.16
H9 OLC E . -16.49 -5.87 13.10
H17 OLC E . -10.40 -9.94 9.97
H17A OLC E . -9.89 -10.22 11.45
H11 OLC E . -13.96 -4.79 12.88
H11A OLC E . -12.99 -5.75 13.69
H8 OLC E . -18.15 -6.39 14.53
H8A OLC E . -17.27 -5.78 15.71
H24 OLC E . -22.44 -12.45 20.34
H24A OLC E . -23.26 -11.61 21.43
H16 OLC E . -12.09 -8.56 10.81
H16A OLC E . -12.21 -10.03 11.37
H12 OLC E . -13.07 -6.63 11.61
H12A OLC E . -14.64 -6.43 11.52
H7 OLC E . -17.32 -8.47 14.85
H7A OLC E . -16.09 -7.93 15.68
H15 OLC E . -11.32 -7.77 12.80
H15A OLC E . -11.08 -9.24 13.35
H13 OLC E . -14.99 -8.18 13.04
H13A OLC E . -14.20 -8.69 11.75
H6 OLC E . -17.38 -7.58 17.54
H6A OLC E . -17.72 -9.03 17.03
H14 OLC E . -13.28 -9.60 13.70
H14A OLC E . -13.00 -8.14 14.27
H5 OLC E . -19.34 -6.76 16.54
H5A OLC E . -19.66 -7.85 17.65
H4 OLC E . -19.60 -8.48 14.90
H4A OLC E . -20.93 -8.07 15.63
H3 OLC E . -19.89 -10.10 17.03
H3A OLC E . -19.85 -10.53 15.50
H2 OLC E . -22.11 -10.36 15.31
H2A OLC E . -21.84 -11.19 16.62
H21 OLC E . -21.35 -11.06 18.49
H21A OLC E . -20.59 -9.72 18.96
H22 OLC E . -22.29 -9.65 20.77
HO25 OLC E . -24.32 -10.67 19.73
HO23 OLC E . -20.37 -11.48 20.87
C1 OLA F . -5.01 -2.01 -17.67
O1 OLA F . -4.71 -2.58 -18.74
O2 OLA F . -5.56 -0.88 -17.70
C2 OLA F . -4.73 -2.69 -16.34
C3 OLA F . -3.28 -3.18 -16.25
C4 OLA F . -2.25 -2.14 -16.68
C5 OLA F . -2.34 -0.85 -15.86
C6 OLA F . -2.02 -1.05 -14.38
C7 OLA F . -0.65 -1.69 -14.11
C8 OLA F . 0.51 -0.77 -14.50
C9 OLA F . 1.53 -1.57 -15.28
H21 OLA F . -5.41 -3.53 -16.21
H22 OLA F . -4.91 -1.98 -15.53
H31 OLA F . -3.08 -3.49 -15.23
H32 OLA F . -3.18 -4.06 -16.89
H41 OLA F . -1.26 -2.56 -16.57
H42 OLA F . -2.40 -1.90 -17.73
H51 OLA F . -1.66 -0.12 -16.28
H52 OLA F . -3.35 -0.46 -15.94
H61 OLA F . -2.78 -1.67 -13.93
H62 OLA F . -2.05 -0.07 -13.89
H71 OLA F . -0.58 -2.62 -14.66
H72 OLA F . -0.57 -1.92 -13.04
H81 OLA F . 0.96 -0.35 -13.61
H82 OLA F . 0.14 0.05 -15.12
H9 OLA F . 1.26 -2.03 -16.23
S SO4 G . -27.00 -3.64 9.27
O1 SO4 G . -25.72 -3.09 9.64
O2 SO4 G . -26.86 -5.06 8.95
O3 SO4 G . -27.95 -3.50 10.37
O4 SO4 G . -27.52 -2.93 8.09
#